data_6EYG
#
_entry.id   6EYG
#
_cell.length_a   29.750
_cell.length_b   66.210
_cell.length_c   63.590
_cell.angle_alpha   90.00
_cell.angle_beta   94.05
_cell.angle_gamma   90.00
#
_symmetry.space_group_name_H-M   'P 1 21 1'
#
loop_
_entity.id
_entity.type
_entity.pdbx_description
1 polymer 'Osmotically activated L-carnitine/choline ABC transporter substrate-binding protein OpuCC'
2 non-polymer 'TRIMETHYL GLYCINE'
3 water water
#
_entity_poly.entity_id   1
_entity_poly.type   'polypeptide(L)'
_entity_poly.pdbx_seq_one_letter_code
;MKRKYLKLMIGLALAATLTLSGCSLPGLSAAADQTIKIGAQSMSESEIIASMLGQLIEHHTDLKTTTIKNLGSNAVQQQA
LMNGEIDIAATRYTGTALTGTLRMEPEKDPDKALALTQREFKKRYDLKWYDSYGFDNTYAFTVSKELADQYHLETVSDVK
KWAPQLKLGVDNYWMKLKGNGYQDFTKTYGMTFGGTYPMQIGLVYDAVKSGKMDIVLAYSTDGRIKSYGLKMLKDDKQFF
PPYDCSPVVPEKVLKEHPELEGIIKKMLGKIDTATMQELNYEVDGNLKEPSVVAKEYLEKHRYFES
;
_entity_poly.pdbx_strand_id   A
#
# COMPACT_ATOMS: atom_id res chain seq x y z
N GLY A 27 17.69 30.58 -4.65
CA GLY A 27 19.08 30.28 -4.17
C GLY A 27 19.07 29.31 -3.01
N LEU A 28 20.21 28.68 -2.77
CA LEU A 28 20.24 27.64 -1.77
C LEU A 28 19.81 28.11 -0.39
N SER A 29 20.10 29.38 -0.08
CA SER A 29 19.88 29.86 1.26
C SER A 29 18.37 30.02 1.51
N ALA A 30 17.57 29.91 0.43
CA ALA A 30 16.10 29.98 0.49
C ALA A 30 15.44 28.58 0.46
N ALA A 31 16.28 27.53 0.50
CA ALA A 31 15.79 26.13 0.41
C ALA A 31 14.67 25.83 1.42
N ALA A 32 14.88 26.25 2.66
CA ALA A 32 14.02 25.97 3.79
C ALA A 32 12.67 26.67 3.70
N ASP A 33 12.52 27.55 2.69
CA ASP A 33 11.29 28.22 2.41
C ASP A 33 10.41 27.52 1.38
N GLN A 34 10.88 26.40 0.80
CA GLN A 34 10.14 25.67 -0.24
C GLN A 34 9.12 24.74 0.46
N THR A 35 7.93 24.55 -0.07
CA THR A 35 7.06 23.58 0.61
C THR A 35 7.38 22.11 0.18
N ILE A 36 7.37 21.18 1.14
CA ILE A 36 7.57 19.74 0.80
C ILE A 36 6.17 19.12 0.54
N LYS A 37 5.92 18.71 -0.70
CA LYS A 37 4.62 18.16 -1.19
C LYS A 37 4.68 16.64 -1.08
N ILE A 38 3.78 16.14 -0.21
CA ILE A 38 3.82 14.68 0.09
C ILE A 38 2.62 14.00 -0.56
N GLY A 39 2.90 13.05 -1.45
CA GLY A 39 1.74 12.48 -2.15
C GLY A 39 1.16 11.27 -1.43
N ALA A 40 -0.15 11.12 -1.60
CA ALA A 40 -0.96 10.01 -1.03
C ALA A 40 -1.68 9.39 -2.17
N GLN A 41 -1.54 8.12 -2.35
CA GLN A 41 -2.48 7.32 -3.15
C GLN A 41 -3.93 7.33 -2.58
N SER A 42 -4.93 7.14 -3.45
N SER A 42 -4.90 6.86 -3.37
CA SER A 42 -6.33 6.98 -3.03
CA SER A 42 -6.33 6.86 -3.01
C SER A 42 -6.57 5.69 -2.20
C SER A 42 -6.73 5.75 -2.06
N MET A 43 -5.95 5.64 -1.01
CA MET A 43 -6.11 4.61 0.03
C MET A 43 -6.11 5.30 1.39
N SER A 44 -6.94 4.86 2.37
CA SER A 44 -6.89 5.42 3.75
C SER A 44 -5.45 5.32 4.28
N GLU A 45 -4.81 4.18 4.05
CA GLU A 45 -3.46 3.88 4.54
C GLU A 45 -2.50 4.99 4.11
N SER A 46 -2.57 5.35 2.83
CA SER A 46 -1.61 6.30 2.25
C SER A 46 -1.90 7.68 2.77
N GLU A 47 -3.16 8.01 3.01
CA GLU A 47 -3.47 9.32 3.64
C GLU A 47 -2.96 9.37 5.09
N ILE A 48 -3.13 8.29 5.84
CA ILE A 48 -2.62 8.27 7.25
C ILE A 48 -1.10 8.44 7.29
N ILE A 49 -0.41 7.67 6.51
CA ILE A 49 1.08 7.73 6.49
C ILE A 49 1.58 9.07 5.96
N ALA A 50 0.95 9.61 4.90
CA ALA A 50 1.40 10.92 4.38
C ALA A 50 1.18 12.03 5.46
N SER A 51 0.05 11.97 6.19
CA SER A 51 -0.18 12.94 7.26
C SER A 51 0.85 12.78 8.37
N MET A 52 1.13 11.54 8.72
CA MET A 52 2.07 11.16 9.86
C MET A 52 3.48 11.70 9.51
N LEU A 53 3.92 11.49 8.31
CA LEU A 53 5.28 11.90 7.87
C LEU A 53 5.30 13.45 7.80
N GLY A 54 4.25 14.11 7.26
CA GLY A 54 4.17 15.60 7.24
C GLY A 54 4.28 16.20 8.64
N GLN A 55 3.50 15.65 9.56
CA GLN A 55 3.51 16.13 10.97
C GLN A 55 4.88 15.81 11.61
N LEU A 56 5.55 14.71 11.25
CA LEU A 56 6.92 14.46 11.82
C LEU A 56 7.92 15.47 11.29
N ILE A 57 7.88 15.78 9.99
CA ILE A 57 8.76 16.78 9.41
C ILE A 57 8.57 18.12 10.12
N GLU A 58 7.33 18.56 10.31
CA GLU A 58 7.02 19.89 10.93
C GLU A 58 7.45 19.86 12.45
N HIS A 59 7.39 18.69 13.06
CA HIS A 59 7.79 18.52 14.49
C HIS A 59 9.29 18.80 14.61
N HIS A 60 10.07 18.43 13.58
CA HIS A 60 11.56 18.49 13.61
C HIS A 60 12.23 19.66 12.97
N THR A 61 11.51 20.34 12.10
CA THR A 61 12.05 21.41 11.25
C THR A 61 11.16 22.57 10.99
N ASP A 62 11.74 23.58 10.32
CA ASP A 62 10.97 24.76 9.93
C ASP A 62 10.31 24.62 8.53
N LEU A 63 10.31 23.39 7.98
CA LEU A 63 9.74 23.21 6.65
C LEU A 63 8.23 23.14 6.61
N LYS A 64 7.60 23.81 5.66
CA LYS A 64 6.16 23.62 5.51
C LYS A 64 5.92 22.36 4.67
N THR A 65 4.84 21.63 4.97
CA THR A 65 4.49 20.46 4.10
C THR A 65 3.03 20.57 3.71
N THR A 66 2.75 19.99 2.54
CA THR A 66 1.33 19.82 2.10
C THR A 66 1.10 18.43 1.61
N THR A 67 -0.18 18.03 1.56
CA THR A 67 -0.56 16.68 1.11
C THR A 67 -1.14 16.74 -0.28
N ILE A 68 -0.69 15.88 -1.20
CA ILE A 68 -1.19 15.88 -2.62
C ILE A 68 -1.94 14.54 -2.74
N LYS A 69 -3.25 14.58 -2.47
CA LYS A 69 -4.09 13.40 -2.30
C LYS A 69 -4.67 12.85 -3.64
N ASN A 70 -5.28 11.67 -3.52
CA ASN A 70 -5.97 11.00 -4.58
C ASN A 70 -5.14 10.62 -5.81
N LEU A 71 -3.83 10.39 -5.68
CA LEU A 71 -3.06 9.87 -6.79
C LEU A 71 -3.61 8.47 -7.00
N GLY A 72 -3.92 8.11 -8.21
CA GLY A 72 -4.73 6.93 -8.44
C GLY A 72 -4.07 5.59 -8.22
N SER A 73 -2.76 5.55 -8.39
CA SER A 73 -2.05 4.27 -8.46
C SER A 73 -0.55 4.45 -8.41
N ASN A 74 0.09 3.29 -8.22
CA ASN A 74 1.55 3.26 -8.29
C ASN A 74 2.12 4.04 -9.47
N ALA A 75 1.49 3.82 -10.66
CA ALA A 75 1.98 4.48 -11.86
C ALA A 75 1.85 6.04 -11.82
N VAL A 76 0.72 6.51 -11.26
CA VAL A 76 0.56 7.96 -11.02
C VAL A 76 1.59 8.50 -10.05
N GLN A 77 1.82 7.76 -8.94
CA GLN A 77 2.84 8.26 -7.96
C GLN A 77 4.21 8.38 -8.60
N GLN A 78 4.52 7.42 -9.46
CA GLN A 78 5.79 7.46 -10.18
C GLN A 78 5.91 8.67 -11.08
N GLN A 79 4.88 8.94 -11.88
CA GLN A 79 4.97 10.08 -12.74
C GLN A 79 5.03 11.44 -11.99
N ALA A 80 4.39 11.48 -10.82
CA ALA A 80 4.34 12.68 -9.98
C ALA A 80 5.72 12.90 -9.34
N LEU A 81 6.42 11.79 -9.02
CA LEU A 81 7.80 11.97 -8.59
C LEU A 81 8.70 12.52 -9.64
N MET A 82 8.47 12.08 -10.86
CA MET A 82 9.41 12.44 -11.94
C MET A 82 9.09 13.80 -12.58
N ASN A 83 7.88 14.32 -12.41
CA ASN A 83 7.50 15.62 -12.99
C ASN A 83 7.37 16.75 -11.96
N GLY A 84 7.74 16.50 -10.67
CA GLY A 84 7.80 17.56 -9.64
C GLY A 84 6.48 17.81 -8.92
N GLU A 85 5.42 17.04 -9.24
CA GLU A 85 4.13 17.20 -8.58
C GLU A 85 4.23 16.91 -7.09
N ILE A 86 4.99 15.88 -6.79
CA ILE A 86 5.24 15.54 -5.34
C ILE A 86 6.75 15.43 -5.12
N ASP A 87 7.18 15.81 -3.91
CA ASP A 87 8.57 15.72 -3.44
C ASP A 87 8.84 14.43 -2.69
N ILE A 88 7.77 13.82 -2.17
CA ILE A 88 7.89 12.53 -1.45
C ILE A 88 6.63 11.70 -1.77
N ALA A 89 6.85 10.43 -2.15
CA ALA A 89 5.72 9.46 -2.24
C ALA A 89 5.60 8.82 -0.85
N ALA A 90 4.54 8.99 -0.07
CA ALA A 90 4.49 8.53 1.34
C ALA A 90 4.48 6.98 1.36
N THR A 91 3.73 6.35 0.49
CA THR A 91 3.56 4.89 0.47
C THR A 91 3.67 4.24 -0.87
N ARG A 92 4.78 3.57 -1.06
CA ARG A 92 4.90 2.77 -2.28
C ARG A 92 5.24 1.34 -1.79
N TYR A 93 5.00 0.35 -2.65
CA TYR A 93 4.99 -1.05 -2.25
C TYR A 93 5.89 -1.88 -3.17
N THR A 94 6.86 -2.63 -2.66
CA THR A 94 7.88 -3.27 -3.51
C THR A 94 7.38 -4.09 -4.64
N GLY A 95 6.44 -4.99 -4.41
CA GLY A 95 6.04 -5.82 -5.54
C GLY A 95 5.26 -5.07 -6.57
N THR A 96 4.53 -4.05 -6.16
CA THR A 96 3.82 -3.20 -7.16
C THR A 96 4.81 -2.47 -8.06
N ALA A 97 5.86 -1.92 -7.46
CA ALA A 97 6.88 -1.18 -8.18
C ALA A 97 7.69 -2.10 -9.06
N LEU A 98 7.96 -3.30 -8.55
CA LEU A 98 8.83 -4.29 -9.26
C LEU A 98 8.13 -4.77 -10.53
N THR A 99 6.86 -5.15 -10.43
CA THR A 99 6.17 -5.67 -11.62
C THR A 99 5.63 -4.53 -12.50
N GLY A 100 5.23 -3.40 -11.88
CA GLY A 100 4.57 -2.37 -12.63
C GLY A 100 5.41 -1.21 -13.14
N THR A 101 6.19 -0.61 -12.31
CA THR A 101 7.15 0.47 -12.78
C THR A 101 8.37 -0.14 -13.52
N LEU A 102 9.08 -1.05 -12.83
CA LEU A 102 10.31 -1.63 -13.34
C LEU A 102 10.09 -2.66 -14.49
N ARG A 103 8.86 -3.22 -14.57
CA ARG A 103 8.51 -4.24 -15.55
C ARG A 103 9.45 -5.44 -15.42
N MET A 104 9.76 -5.80 -14.18
CA MET A 104 10.56 -7.02 -13.90
C MET A 104 9.73 -8.18 -13.41
N GLU A 105 10.29 -9.41 -13.44
CA GLU A 105 9.48 -10.54 -13.00
C GLU A 105 9.42 -10.40 -11.50
N PRO A 106 8.34 -10.89 -10.85
CA PRO A 106 8.10 -10.66 -9.43
C PRO A 106 9.09 -11.50 -8.59
N GLU A 107 10.09 -10.91 -7.96
CA GLU A 107 10.95 -11.60 -6.97
C GLU A 107 10.06 -11.97 -5.76
N LYS A 108 10.12 -13.20 -5.27
CA LYS A 108 9.22 -13.61 -4.17
C LYS A 108 9.75 -13.43 -2.71
N ASP A 109 11.08 -13.25 -2.57
CA ASP A 109 11.65 -13.05 -1.24
C ASP A 109 11.55 -11.59 -0.83
N PRO A 110 10.95 -11.29 0.36
CA PRO A 110 10.92 -9.85 0.79
C PRO A 110 12.26 -9.08 0.76
N ASP A 111 13.27 -9.67 1.40
CA ASP A 111 14.53 -8.96 1.40
C ASP A 111 15.07 -8.72 -0.01
N LYS A 112 15.08 -9.78 -0.85
CA LYS A 112 15.65 -9.61 -2.18
C LYS A 112 14.81 -8.61 -3.04
N ALA A 113 13.52 -8.67 -2.82
CA ALA A 113 12.66 -7.80 -3.64
C ALA A 113 12.91 -6.34 -3.20
N LEU A 114 13.02 -6.08 -1.90
CA LEU A 114 13.34 -4.70 -1.43
C LEU A 114 14.69 -4.20 -1.97
N ALA A 115 15.70 -5.04 -1.85
CA ALA A 115 17.02 -4.65 -2.28
C ALA A 115 17.10 -4.39 -3.82
N LEU A 116 16.42 -5.22 -4.65
CA LEU A 116 16.35 -5.01 -6.13
C LEU A 116 15.62 -3.71 -6.40
N THR A 117 14.50 -3.47 -5.68
CA THR A 117 13.70 -2.29 -5.98
C THR A 117 14.52 -1.06 -5.65
N GLN A 118 15.22 -1.08 -4.52
CA GLN A 118 16.03 0.08 -4.13
C GLN A 118 17.15 0.35 -5.12
N ARG A 119 17.84 -0.72 -5.56
CA ARG A 119 18.98 -0.48 -6.55
C ARG A 119 18.44 0.02 -7.90
N GLU A 120 17.36 -0.59 -8.39
CA GLU A 120 16.81 -0.19 -9.66
C GLU A 120 16.20 1.20 -9.62
N PHE A 121 15.57 1.54 -8.45
CA PHE A 121 15.04 2.94 -8.37
C PHE A 121 16.12 4.02 -8.37
N LYS A 122 17.23 3.71 -7.74
CA LYS A 122 18.36 4.67 -7.74
C LYS A 122 19.01 4.75 -9.12
N LYS A 123 19.30 3.58 -9.72
CA LYS A 123 19.89 3.47 -11.05
C LYS A 123 19.08 4.21 -12.12
N ARG A 124 17.79 3.86 -12.19
CA ARG A 124 16.97 4.34 -13.28
C ARG A 124 16.45 5.76 -13.15
N TYR A 125 16.15 6.18 -11.92
CA TYR A 125 15.37 7.39 -11.66
C TYR A 125 16.03 8.38 -10.72
N ASP A 126 17.17 7.99 -10.14
CA ASP A 126 17.78 8.76 -9.02
C ASP A 126 16.79 8.94 -7.85
N LEU A 127 15.95 7.91 -7.64
CA LEU A 127 14.95 7.96 -6.54
C LEU A 127 15.47 7.11 -5.39
N LYS A 128 15.35 7.64 -4.13
CA LYS A 128 15.70 6.80 -2.97
C LYS A 128 14.45 6.13 -2.38
N TRP A 129 14.45 4.80 -2.45
CA TRP A 129 13.37 3.94 -1.92
C TRP A 129 13.88 3.53 -0.57
N TYR A 130 13.23 4.05 0.46
CA TYR A 130 13.76 3.78 1.80
C TYR A 130 13.48 2.36 2.22
N ASP A 131 14.13 1.88 3.32
CA ASP A 131 13.69 0.70 3.99
C ASP A 131 12.21 0.83 4.46
N SER A 132 11.58 -0.29 4.72
CA SER A 132 10.15 -0.30 4.96
C SER A 132 9.77 0.32 6.28
N TYR A 133 8.56 0.89 6.36
CA TYR A 133 7.98 1.30 7.63
C TYR A 133 7.82 0.12 8.60
N GLY A 134 7.66 -1.14 8.11
CA GLY A 134 7.53 -2.32 8.97
C GLY A 134 6.39 -3.25 8.61
N PHE A 135 5.61 -2.82 7.64
CA PHE A 135 4.39 -3.60 7.28
C PHE A 135 4.38 -3.83 5.78
N ASP A 136 3.72 -4.92 5.44
CA ASP A 136 3.46 -5.25 4.00
C ASP A 136 1.95 -5.22 3.82
N ASN A 137 1.55 -4.70 2.65
CA ASN A 137 0.11 -4.68 2.40
C ASN A 137 -0.12 -5.39 1.12
N THR A 138 -0.49 -6.69 1.25
CA THR A 138 -0.63 -7.53 0.02
C THR A 138 -2.08 -7.63 -0.45
N TYR A 139 -2.22 -7.79 -1.76
CA TYR A 139 -3.48 -8.32 -2.29
C TYR A 139 -3.73 -9.65 -1.64
N ALA A 140 -4.96 -9.95 -1.29
CA ALA A 140 -5.28 -11.23 -0.67
C ALA A 140 -6.68 -11.65 -0.97
N PHE A 141 -6.81 -12.81 -1.60
CA PHE A 141 -8.16 -13.35 -1.92
C PHE A 141 -8.93 -13.62 -0.64
N THR A 142 -10.16 -13.07 -0.50
CA THR A 142 -10.78 -13.01 0.81
C THR A 142 -12.24 -13.38 0.69
N VAL A 143 -12.70 -14.27 1.59
CA VAL A 143 -14.10 -14.77 1.57
C VAL A 143 -14.71 -14.54 2.95
N SER A 144 -16.02 -14.63 3.09
CA SER A 144 -16.56 -14.69 4.46
C SER A 144 -16.15 -15.94 5.24
N LYS A 145 -16.15 -15.83 6.56
CA LYS A 145 -15.90 -17.01 7.42
C LYS A 145 -16.92 -18.10 7.13
N GLU A 146 -18.18 -17.67 6.88
CA GLU A 146 -19.29 -18.61 6.60
C GLU A 146 -18.97 -19.43 5.31
N LEU A 147 -18.58 -18.75 4.25
CA LEU A 147 -18.27 -19.51 3.06
C LEU A 147 -17.06 -20.43 3.25
N ALA A 148 -16.00 -19.91 3.90
CA ALA A 148 -14.81 -20.72 4.14
C ALA A 148 -15.15 -22.02 4.96
N ASP A 149 -15.91 -21.82 6.06
CA ASP A 149 -16.39 -22.95 6.88
C ASP A 149 -17.24 -23.94 6.10
N GLN A 150 -18.14 -23.41 5.27
CA GLN A 150 -19.07 -24.31 4.58
C GLN A 150 -18.33 -25.20 3.57
N TYR A 151 -17.32 -24.65 2.91
CA TYR A 151 -16.69 -25.30 1.76
C TYR A 151 -15.24 -25.65 2.03
N HIS A 152 -14.85 -25.54 3.30
CA HIS A 152 -13.48 -25.88 3.76
C HIS A 152 -12.42 -25.20 2.92
N LEU A 153 -12.56 -23.88 2.84
CA LEU A 153 -11.62 -23.11 2.02
C LEU A 153 -10.51 -22.53 2.89
N GLU A 154 -9.28 -22.90 2.57
CA GLU A 154 -8.12 -22.40 3.25
C GLU A 154 -7.16 -21.66 2.28
N THR A 155 -7.07 -22.08 1.01
CA THR A 155 -6.05 -21.58 0.12
C THR A 155 -6.73 -21.13 -1.17
N VAL A 156 -6.01 -20.42 -1.99
CA VAL A 156 -6.55 -20.02 -3.25
C VAL A 156 -6.73 -21.25 -4.10
N SER A 157 -5.84 -22.22 -4.02
CA SER A 157 -6.08 -23.43 -4.84
C SER A 157 -7.40 -24.12 -4.48
N ASP A 158 -7.77 -24.10 -3.22
CA ASP A 158 -9.08 -24.62 -2.76
C ASP A 158 -10.25 -24.10 -3.58
N VAL A 159 -10.16 -22.89 -4.09
CA VAL A 159 -11.34 -22.31 -4.78
C VAL A 159 -11.33 -22.67 -6.27
N LYS A 160 -10.32 -23.36 -6.79
CA LYS A 160 -10.27 -23.58 -8.28
C LYS A 160 -11.50 -24.30 -8.81
N LYS A 161 -11.99 -25.29 -8.09
CA LYS A 161 -13.16 -26.03 -8.61
C LYS A 161 -14.47 -25.25 -8.53
N TRP A 162 -14.48 -24.18 -7.74
CA TRP A 162 -15.66 -23.36 -7.53
C TRP A 162 -15.65 -22.11 -8.32
N ALA A 163 -14.49 -21.78 -8.90
CA ALA A 163 -14.33 -20.44 -9.51
C ALA A 163 -15.43 -20.01 -10.50
N PRO A 164 -16.01 -20.94 -11.34
CA PRO A 164 -17.07 -20.46 -12.24
C PRO A 164 -18.32 -20.04 -11.51
N GLN A 165 -18.49 -20.47 -10.24
CA GLN A 165 -19.70 -20.10 -9.47
C GLN A 165 -19.42 -18.95 -8.53
N LEU A 166 -18.31 -18.22 -8.77
CA LEU A 166 -17.98 -17.19 -7.81
C LEU A 166 -18.01 -15.82 -8.52
N LYS A 167 -18.53 -14.79 -7.81
CA LYS A 167 -18.37 -13.40 -8.28
C LYS A 167 -17.20 -12.80 -7.53
N LEU A 168 -16.18 -12.30 -8.22
CA LEU A 168 -15.01 -11.61 -7.59
C LEU A 168 -15.16 -10.09 -7.63
N GLY A 169 -15.08 -9.43 -6.46
CA GLY A 169 -14.94 -8.01 -6.32
C GLY A 169 -13.47 -7.64 -6.25
N VAL A 170 -13.12 -6.63 -7.03
CA VAL A 170 -11.69 -6.33 -7.21
C VAL A 170 -11.55 -4.82 -7.29
N ASP A 171 -10.38 -4.23 -7.01
CA ASP A 171 -10.18 -2.79 -7.25
C ASP A 171 -10.28 -2.36 -8.74
N ASN A 172 -10.10 -1.07 -9.06
CA ASN A 172 -10.33 -0.68 -10.46
C ASN A 172 -9.06 -0.70 -11.29
N TYR A 173 -8.00 -1.33 -10.76
CA TYR A 173 -6.74 -1.35 -11.47
C TYR A 173 -6.20 -2.75 -11.79
N TRP A 174 -6.31 -3.69 -10.90
CA TRP A 174 -5.57 -4.91 -11.01
C TRP A 174 -5.99 -5.81 -12.13
N MET A 175 -7.25 -5.73 -12.55
CA MET A 175 -7.64 -6.53 -13.75
C MET A 175 -6.87 -6.13 -15.00
N LYS A 176 -6.38 -4.91 -15.02
CA LYS A 176 -5.75 -4.37 -16.24
C LYS A 176 -4.26 -4.51 -16.24
N LEU A 177 -3.70 -5.00 -15.14
CA LEU A 177 -2.29 -4.92 -15.07
C LEU A 177 -1.65 -6.00 -15.97
N LYS A 178 -0.65 -5.63 -16.80
CA LYS A 178 0.02 -6.64 -17.64
C LYS A 178 0.91 -7.62 -16.89
N GLY A 179 1.49 -7.15 -15.79
CA GLY A 179 2.40 -7.94 -14.96
C GLY A 179 1.76 -8.26 -13.64
N ASN A 180 1.47 -9.53 -13.46
CA ASN A 180 1.07 -10.04 -12.13
C ASN A 180 -0.35 -9.60 -11.76
N GLY A 181 -1.12 -9.30 -12.78
CA GLY A 181 -2.51 -8.96 -12.61
C GLY A 181 -3.36 -10.21 -12.93
N TYR A 182 -4.61 -9.97 -13.24
CA TYR A 182 -5.63 -11.01 -13.45
C TYR A 182 -5.23 -11.91 -14.51
N GLN A 183 -4.75 -11.31 -15.60
CA GLN A 183 -4.30 -12.24 -16.70
C GLN A 183 -3.29 -13.32 -16.25
N ASP A 184 -2.22 -12.89 -15.57
CA ASP A 184 -1.19 -13.85 -15.11
C ASP A 184 -1.71 -14.80 -13.97
N PHE A 185 -2.61 -14.27 -13.12
CA PHE A 185 -3.26 -15.04 -12.11
C PHE A 185 -3.98 -16.24 -12.77
N THR A 186 -4.72 -16.01 -13.86
CA THR A 186 -5.50 -17.13 -14.42
C THR A 186 -4.60 -18.12 -15.08
N LYS A 187 -3.39 -17.70 -15.42
CA LYS A 187 -2.41 -18.58 -16.00
C LYS A 187 -1.77 -19.39 -14.89
N THR A 188 -1.52 -18.79 -13.75
CA THR A 188 -0.79 -19.48 -12.68
C THR A 188 -1.69 -20.44 -11.94
N TYR A 189 -2.89 -20.04 -11.57
CA TYR A 189 -3.77 -20.86 -10.80
C TYR A 189 -4.70 -21.67 -11.70
N GLY A 190 -4.77 -21.32 -13.00
CA GLY A 190 -5.65 -22.13 -13.89
C GLY A 190 -7.13 -22.02 -13.56
N MET A 191 -7.56 -20.83 -13.20
CA MET A 191 -8.99 -20.58 -12.92
C MET A 191 -9.39 -19.22 -13.36
N THR A 192 -10.68 -19.14 -13.71
CA THR A 192 -11.28 -17.93 -14.21
C THR A 192 -12.56 -17.73 -13.43
N PHE A 193 -12.75 -16.56 -12.78
CA PHE A 193 -13.98 -16.39 -11.98
C PHE A 193 -15.19 -16.16 -12.85
N GLY A 194 -16.32 -16.74 -12.43
CA GLY A 194 -17.64 -16.62 -13.12
C GLY A 194 -17.91 -15.17 -13.53
N GLY A 195 -17.55 -14.25 -12.64
CA GLY A 195 -17.81 -12.85 -12.82
C GLY A 195 -16.73 -12.06 -12.12
N THR A 196 -16.37 -10.93 -12.71
CA THR A 196 -15.48 -9.95 -12.07
C THR A 196 -16.10 -8.56 -12.03
N TYR A 197 -15.95 -7.88 -10.88
CA TYR A 197 -16.63 -6.61 -10.66
C TYR A 197 -15.67 -5.59 -10.04
N PRO A 198 -15.05 -4.75 -10.87
CA PRO A 198 -14.16 -3.66 -10.36
C PRO A 198 -14.96 -2.55 -9.66
N MET A 199 -14.36 -2.07 -8.57
CA MET A 199 -15.00 -1.08 -7.69
C MET A 199 -13.87 -0.39 -6.90
N GLN A 200 -14.16 0.73 -6.26
CA GLN A 200 -13.18 1.36 -5.39
C GLN A 200 -12.84 0.32 -4.31
N ILE A 201 -11.55 0.19 -3.99
CA ILE A 201 -11.11 -0.86 -3.06
C ILE A 201 -11.88 -0.85 -1.71
N GLY A 202 -12.17 0.36 -1.21
CA GLY A 202 -12.83 0.54 0.07
C GLY A 202 -14.16 -0.19 0.10
N LEU A 203 -14.77 -0.39 -1.07
CA LEU A 203 -16.10 -1.02 -1.11
C LEU A 203 -16.08 -2.53 -1.02
N VAL A 204 -14.95 -3.18 -1.29
CA VAL A 204 -14.98 -4.66 -1.34
C VAL A 204 -15.33 -5.35 0.00
N TYR A 205 -15.08 -4.66 1.13
CA TYR A 205 -15.22 -5.28 2.46
C TYR A 205 -16.70 -5.54 2.78
N ASP A 206 -17.52 -4.52 2.52
CA ASP A 206 -18.97 -4.66 2.75
C ASP A 206 -19.55 -5.53 1.64
N ALA A 207 -19.00 -5.42 0.42
CA ALA A 207 -19.46 -6.27 -0.73
C ALA A 207 -19.39 -7.77 -0.44
N VAL A 208 -18.32 -8.23 0.19
CA VAL A 208 -18.18 -9.68 0.49
C VAL A 208 -18.93 -10.00 1.80
N LYS A 209 -18.96 -9.06 2.71
CA LYS A 209 -19.62 -9.27 4.03
C LYS A 209 -21.15 -9.34 3.83
N SER A 210 -21.67 -8.56 2.89
CA SER A 210 -23.14 -8.53 2.70
C SER A 210 -23.60 -9.64 1.76
N GLY A 211 -22.67 -10.40 1.20
CA GLY A 211 -23.03 -11.44 0.23
C GLY A 211 -23.28 -11.03 -1.21
N LYS A 212 -22.91 -9.81 -1.55
CA LYS A 212 -23.03 -9.32 -2.92
C LYS A 212 -21.94 -9.91 -3.85
N MET A 213 -20.76 -10.08 -3.29
CA MET A 213 -19.64 -10.75 -3.97
C MET A 213 -19.35 -12.02 -3.15
N ASP A 214 -18.82 -13.05 -3.80
CA ASP A 214 -18.47 -14.28 -3.09
C ASP A 214 -17.06 -14.26 -2.56
N ILE A 215 -16.20 -13.55 -3.29
CA ILE A 215 -14.74 -13.51 -3.00
C ILE A 215 -14.30 -12.13 -3.48
N VAL A 216 -13.26 -11.57 -2.83
CA VAL A 216 -12.80 -10.23 -3.17
C VAL A 216 -11.27 -10.20 -3.09
N LEU A 217 -10.60 -9.38 -3.89
CA LEU A 217 -9.14 -9.22 -3.81
C LEU A 217 -8.88 -8.05 -2.86
N ALA A 218 -8.86 -8.38 -1.56
CA ALA A 218 -8.71 -7.37 -0.51
C ALA A 218 -7.24 -6.97 -0.32
N TYR A 219 -7.04 -5.93 0.49
CA TYR A 219 -5.69 -5.52 0.87
C TYR A 219 -5.53 -5.87 2.31
N SER A 220 -4.45 -6.60 2.56
CA SER A 220 -4.24 -7.24 3.88
C SER A 220 -4.19 -6.29 5.10
N THR A 221 -3.75 -5.07 4.89
CA THR A 221 -3.73 -4.16 6.02
C THR A 221 -5.11 -3.51 6.33
N ASP A 222 -6.18 -3.84 5.59
CA ASP A 222 -7.42 -3.15 5.89
C ASP A 222 -7.97 -3.61 7.21
N GLY A 223 -8.31 -2.63 8.03
CA GLY A 223 -8.91 -2.82 9.33
C GLY A 223 -10.19 -3.67 9.43
N ARG A 224 -10.91 -3.70 8.32
CA ARG A 224 -12.19 -4.42 8.20
C ARG A 224 -12.06 -5.94 8.00
N ILE A 225 -10.85 -6.40 7.72
CA ILE A 225 -10.69 -7.88 7.59
C ILE A 225 -10.91 -8.51 8.97
N LYS A 226 -10.18 -8.04 9.96
CA LYS A 226 -10.33 -8.50 11.35
C LYS A 226 -11.73 -8.10 11.85
N SER A 227 -12.14 -6.84 11.66
CA SER A 227 -13.43 -6.41 12.29
C SER A 227 -14.65 -7.15 11.75
N TYR A 228 -14.67 -7.41 10.46
CA TYR A 228 -15.75 -8.17 9.83
C TYR A 228 -15.55 -9.68 9.91
N GLY A 229 -14.40 -10.14 10.45
CA GLY A 229 -14.03 -11.57 10.60
C GLY A 229 -13.93 -12.34 9.30
N LEU A 230 -13.52 -11.64 8.22
CA LEU A 230 -13.31 -12.24 6.89
C LEU A 230 -12.13 -13.18 6.94
N LYS A 231 -12.04 -14.08 5.99
CA LYS A 231 -10.98 -15.08 5.93
C LYS A 231 -10.14 -14.82 4.69
N MET A 232 -8.89 -14.47 4.89
CA MET A 232 -7.94 -14.37 3.79
C MET A 232 -7.47 -15.80 3.45
N LEU A 233 -7.44 -16.14 2.16
CA LEU A 233 -7.03 -17.48 1.68
C LEU A 233 -5.52 -17.45 1.40
N LYS A 234 -4.80 -18.46 1.86
CA LYS A 234 -3.37 -18.54 1.67
C LYS A 234 -3.07 -18.61 0.15
N ASP A 235 -2.10 -17.79 -0.31
CA ASP A 235 -1.62 -17.81 -1.67
C ASP A 235 -0.62 -18.94 -1.80
N ASP A 236 -1.16 -20.18 -1.92
CA ASP A 236 -0.36 -21.37 -1.78
C ASP A 236 0.70 -21.47 -2.84
N LYS A 237 0.43 -20.96 -4.05
CA LYS A 237 1.40 -20.99 -5.17
C LYS A 237 2.44 -19.86 -5.12
N GLN A 238 2.28 -18.95 -4.15
CA GLN A 238 3.13 -17.74 -3.99
C GLN A 238 3.10 -16.99 -5.32
N PHE A 239 1.91 -16.81 -5.86
CA PHE A 239 1.74 -16.02 -7.05
C PHE A 239 2.17 -14.57 -6.77
N PHE A 240 1.81 -14.06 -5.59
CA PHE A 240 2.04 -12.64 -5.35
C PHE A 240 3.45 -12.40 -4.84
N PRO A 241 4.08 -11.32 -5.28
CA PRO A 241 5.35 -10.91 -4.64
C PRO A 241 5.07 -10.23 -3.29
N PRO A 242 6.11 -10.01 -2.49
CA PRO A 242 5.95 -9.13 -1.31
C PRO A 242 5.48 -7.69 -1.65
N TYR A 243 4.79 -7.05 -0.70
CA TYR A 243 4.35 -5.66 -0.82
C TYR A 243 4.69 -4.80 0.41
N ASP A 244 5.99 -4.82 0.72
CA ASP A 244 6.51 -4.05 1.81
C ASP A 244 6.42 -2.59 1.45
N CYS A 245 6.03 -1.79 2.41
CA CYS A 245 5.65 -0.35 2.20
C CYS A 245 6.76 0.56 2.65
N SER A 246 7.20 1.47 1.80
CA SER A 246 8.30 2.43 2.05
C SER A 246 7.93 3.80 1.48
N PRO A 247 8.50 4.89 2.06
CA PRO A 247 8.52 6.17 1.42
C PRO A 247 9.62 6.26 0.31
N VAL A 248 9.38 7.04 -0.74
CA VAL A 248 10.29 7.21 -1.87
C VAL A 248 10.49 8.69 -2.16
N VAL A 249 11.74 9.14 -2.28
CA VAL A 249 12.07 10.53 -2.41
C VAL A 249 13.16 10.76 -3.48
N PRO A 250 13.02 11.79 -4.33
CA PRO A 250 14.14 12.08 -5.25
C PRO A 250 15.42 12.45 -4.49
N GLU A 251 16.53 11.86 -4.93
CA GLU A 251 17.78 12.23 -4.34
C GLU A 251 18.04 13.77 -4.34
N LYS A 252 17.48 14.50 -5.34
CA LYS A 252 17.73 15.92 -5.41
C LYS A 252 17.07 16.62 -4.23
N VAL A 253 15.85 16.17 -3.85
CA VAL A 253 15.15 16.67 -2.71
C VAL A 253 15.94 16.40 -1.42
N LEU A 254 16.51 15.23 -1.31
CA LEU A 254 17.26 14.94 -0.05
C LEU A 254 18.52 15.87 -0.01
N LYS A 255 19.22 16.08 -1.13
CA LYS A 255 20.48 16.92 -1.11
C LYS A 255 20.11 18.33 -0.74
N GLU A 256 19.00 18.82 -1.26
CA GLU A 256 18.63 20.25 -1.05
C GLU A 256 18.07 20.47 0.36
N HIS A 257 17.49 19.41 0.97
CA HIS A 257 16.99 19.46 2.32
C HIS A 257 17.61 18.40 3.12
N PRO A 258 18.88 18.63 3.49
CA PRO A 258 19.66 17.62 4.14
C PRO A 258 19.15 17.07 5.50
N GLU A 259 18.20 17.76 6.11
CA GLU A 259 17.58 17.33 7.32
C GLU A 259 16.55 16.22 7.09
N LEU A 260 16.07 16.08 5.85
CA LEU A 260 14.91 15.15 5.62
C LEU A 260 15.28 13.70 5.83
N GLU A 261 16.44 13.26 5.38
CA GLU A 261 16.85 11.87 5.63
C GLU A 261 16.75 11.36 7.12
N GLY A 262 17.26 12.16 8.06
CA GLY A 262 17.29 11.79 9.46
C GLY A 262 15.86 11.76 9.96
N ILE A 263 14.94 12.53 9.41
CA ILE A 263 13.57 12.58 9.90
C ILE A 263 12.84 11.37 9.37
N ILE A 264 12.98 11.06 8.07
CA ILE A 264 12.29 9.89 7.50
C ILE A 264 12.72 8.60 8.22
N LYS A 265 13.97 8.59 8.57
CA LYS A 265 14.56 7.40 9.26
C LYS A 265 13.79 7.03 10.56
N LYS A 266 13.23 8.10 11.24
CA LYS A 266 12.55 7.89 12.54
C LYS A 266 11.34 7.03 12.39
N MET A 267 10.74 6.96 11.18
CA MET A 267 9.53 6.11 10.99
C MET A 267 9.83 4.73 10.53
N LEU A 268 11.04 4.43 10.14
CA LEU A 268 11.35 3.15 9.47
C LEU A 268 11.41 2.00 10.40
N GLY A 269 10.74 0.93 10.02
CA GLY A 269 10.81 -0.29 10.89
C GLY A 269 9.98 -0.18 12.18
N LYS A 270 9.13 0.87 12.32
CA LYS A 270 8.36 1.20 13.51
C LYS A 270 6.86 0.84 13.53
N ILE A 271 6.30 0.49 12.34
CA ILE A 271 4.88 0.33 12.19
C ILE A 271 4.64 -1.06 11.62
N ASP A 272 4.24 -1.99 12.50
CA ASP A 272 3.95 -3.31 12.03
C ASP A 272 2.54 -3.46 11.43
N THR A 273 2.32 -4.65 10.84
CA THR A 273 1.03 -4.90 10.17
C THR A 273 -0.15 -4.72 11.09
N ALA A 274 -0.03 -5.19 12.33
CA ALA A 274 -1.16 -5.08 13.24
C ALA A 274 -1.52 -3.61 13.56
N THR A 275 -0.46 -2.81 13.75
CA THR A 275 -0.57 -1.40 13.95
C THR A 275 -1.23 -0.74 12.75
N MET A 276 -0.71 -0.99 11.55
CA MET A 276 -1.29 -0.39 10.39
C MET A 276 -2.77 -0.77 10.26
N GLN A 277 -3.14 -2.02 10.59
CA GLN A 277 -4.56 -2.41 10.49
C GLN A 277 -5.39 -1.58 11.43
N GLU A 278 -4.91 -1.39 12.68
CA GLU A 278 -5.65 -0.56 13.70
C GLU A 278 -5.83 0.89 13.25
N LEU A 279 -4.78 1.40 12.65
CA LEU A 279 -4.88 2.84 12.13
C LEU A 279 -5.86 2.92 10.98
N ASN A 280 -5.77 2.01 10.00
CA ASN A 280 -6.79 1.99 8.92
C ASN A 280 -8.17 1.80 9.55
N TYR A 281 -8.37 0.95 10.56
CA TYR A 281 -9.70 0.80 11.08
C TYR A 281 -10.18 2.17 11.67
N GLU A 282 -9.29 2.89 12.35
CA GLU A 282 -9.72 4.18 12.93
C GLU A 282 -10.32 5.11 11.87
N VAL A 283 -9.72 5.14 10.66
CA VAL A 283 -10.32 5.88 9.53
C VAL A 283 -11.57 5.27 8.94
N ASP A 284 -11.53 3.98 8.58
CA ASP A 284 -12.63 3.44 7.77
C ASP A 284 -13.81 2.95 8.62
N GLY A 285 -13.50 2.52 9.83
CA GLY A 285 -14.45 1.95 10.77
C GLY A 285 -14.96 2.99 11.79
N ASN A 286 -14.04 3.80 12.34
CA ASN A 286 -14.36 4.81 13.37
C ASN A 286 -14.59 6.20 12.77
N LEU A 287 -14.42 6.27 11.44
CA LEU A 287 -14.70 7.50 10.63
C LEU A 287 -13.93 8.73 11.12
N LYS A 288 -12.74 8.48 11.66
CA LYS A 288 -11.80 9.60 11.89
C LYS A 288 -11.05 10.09 10.66
N GLU A 289 -10.76 11.41 10.63
CA GLU A 289 -9.86 11.97 9.58
C GLU A 289 -8.48 11.34 9.62
N PRO A 290 -7.91 10.95 8.48
CA PRO A 290 -6.53 10.47 8.53
C PRO A 290 -5.59 11.36 9.34
N SER A 291 -5.69 12.67 9.22
CA SER A 291 -4.78 13.53 9.98
C SER A 291 -4.91 13.36 11.44
N VAL A 292 -6.13 13.16 11.94
CA VAL A 292 -6.36 12.99 13.39
C VAL A 292 -5.86 11.64 13.83
N VAL A 293 -6.08 10.60 13.03
CA VAL A 293 -5.55 9.28 13.36
C VAL A 293 -4.02 9.34 13.44
N ALA A 294 -3.40 10.00 12.48
CA ALA A 294 -1.91 10.14 12.53
C ALA A 294 -1.43 10.96 13.70
N LYS A 295 -2.13 12.00 14.02
CA LYS A 295 -1.71 12.84 15.16
C LYS A 295 -1.86 12.05 16.49
N GLU A 296 -2.98 11.33 16.67
CA GLU A 296 -3.17 10.53 17.91
C GLU A 296 -2.07 9.49 18.05
N TYR A 297 -1.69 8.91 16.94
CA TYR A 297 -0.66 7.84 16.96
C TYR A 297 0.69 8.48 17.33
N LEU A 298 1.03 9.61 16.73
CA LEU A 298 2.32 10.26 17.06
C LEU A 298 2.28 10.65 18.56
N GLU A 299 1.14 11.13 19.06
CA GLU A 299 1.12 11.51 20.48
C GLU A 299 1.32 10.33 21.36
N LYS A 300 0.60 9.23 21.07
CA LYS A 300 0.69 8.01 21.86
C LYS A 300 2.16 7.55 21.96
N HIS A 301 2.91 7.67 20.85
CA HIS A 301 4.27 7.10 20.76
C HIS A 301 5.30 8.16 20.82
N ARG A 302 4.91 9.36 21.28
CA ARG A 302 5.87 10.46 21.55
C ARG A 302 6.72 10.82 20.34
N TYR A 303 6.13 10.81 19.13
CA TYR A 303 6.81 11.13 17.90
C TYR A 303 8.11 10.28 17.69
N PHE A 304 8.06 9.03 18.20
CA PHE A 304 9.05 7.92 17.97
C PHE A 304 10.37 8.07 18.80
N GLU A 305 10.37 9.02 19.73
CA GLU A 305 11.49 9.08 20.66
C GLU A 305 11.03 9.45 22.03
N SER A 306 11.28 8.61 23.02
CA SER A 306 10.88 8.84 24.37
C SER A 306 11.99 9.17 25.40
#